data_5ISW
#
_entry.id   5ISW
#
_cell.length_a   53.770
_cell.length_b   57.637
_cell.length_c   61.384
_cell.angle_alpha   65.72
_cell.angle_beta   65.47
_cell.angle_gamma   84.88
#
_symmetry.space_group_name_H-M   'P 1'
#
loop_
_entity.id
_entity.type
_entity.pdbx_description
1 polymer 'Gramicidin S synthase 1'
2 non-polymer GLYCEROL
3 water water
#
_entity_poly.entity_id   1
_entity_poly.type   'polypeptide(L)'
_entity_poly.pdbx_seq_one_letter_code
;MAPRNEIEETLVTIWQDVLGIEKIGIKDNFYALGGDSIKAIQVAARLHSYQLKLETKDLLKYPTIDQLVHYIKDSKRRSE
QGIVEGEIGLTPIQHWFFEQQFTNMHHWNQSYMLYRPNGFDKEILLRVFNKIVEHHDALRMIYKHHNGKIVQINRGLEGT
LFDFYTFDLTANDNEQQVICEESARLQNSINLEVGPLVKIALFHTQNGDHLFMAIHHLVVDGISWRILFEDLATAYEQAM
HQQTIALPEKTDSFKDWSIELEKYANSELFLEEAEYWHHLNYYTDNVQIKKDYVTMNNKQKNIRYVGMELTIEETEKLLK
NVNKAYRTEINDILLTALGFALKEWADIDKIVINLEGHGREEILEQMNIARTVGWFTSQYPVVLDMQKSDDLSYQIKLMK
ENLRRIPNKGIGYEIFKYLTTEYLRPVLPFTLKPEINFNYLGQFDTDVKTELFTRSPYSMGNSLGPDGKNNLGPEGESYF
VLNINGFIEEGKLHITFSYNEQQYKEDTIQQLSRSYKQHLLAIIEHCVQKEDTELTPSDFSFKELELEEMDDIFDLLADS
LTDDDDKHHHHHH
;
_entity_poly.pdbx_strand_id   A
#
# COMPACT_ATOMS: atom_id res chain seq x y z
N ALA A 2 -18.28 25.04 -5.51
CA ALA A 2 -19.09 24.59 -6.65
C ALA A 2 -20.55 24.33 -6.24
N PRO A 3 -21.44 24.33 -7.20
CA PRO A 3 -22.85 24.09 -6.91
C PRO A 3 -23.10 22.70 -6.37
N ARG A 4 -24.06 22.59 -5.46
CA ARG A 4 -24.43 21.35 -4.83
C ARG A 4 -24.78 20.31 -5.89
N ASN A 5 -25.81 20.54 -6.72
CA ASN A 5 -26.19 19.56 -7.73
C ASN A 5 -25.12 19.17 -8.72
N GLU A 6 -24.21 20.07 -8.97
CA GLU A 6 -23.09 19.72 -9.82
C GLU A 6 -22.11 18.85 -9.03
N ILE A 7 -21.91 19.17 -7.75
CA ILE A 7 -21.03 18.38 -6.90
C ILE A 7 -21.61 16.99 -6.74
N GLU A 8 -22.94 16.90 -6.63
CA GLU A 8 -23.60 15.60 -6.57
C GLU A 8 -23.36 14.76 -7.83
N GLU A 9 -23.49 15.37 -9.01
CA GLU A 9 -23.33 14.59 -10.23
C GLU A 9 -21.88 14.15 -10.35
N THR A 10 -20.96 15.01 -9.94
CA THR A 10 -19.54 14.69 -9.98
C THR A 10 -19.21 13.54 -9.03
N LEU A 11 -19.76 13.57 -7.83
CA LEU A 11 -19.53 12.46 -6.89
C LEU A 11 -20.10 11.14 -7.42
N VAL A 12 -21.27 11.19 -8.03
CA VAL A 12 -21.86 9.97 -8.56
C VAL A 12 -20.94 9.32 -9.62
N THR A 13 -20.46 10.14 -10.53
CA THR A 13 -19.56 9.69 -11.59
C THR A 13 -18.29 9.05 -11.00
N ILE A 14 -17.67 9.81 -10.09
CA ILE A 14 -16.45 9.37 -9.43
C ILE A 14 -16.67 8.09 -8.62
N TRP A 15 -17.73 8.01 -7.83
CA TRP A 15 -17.95 6.77 -7.06
C TRP A 15 -18.18 5.57 -7.95
N GLN A 16 -18.89 5.77 -9.06
CA GLN A 16 -19.12 4.64 -9.95
C GLN A 16 -17.80 4.13 -10.53
N ASP A 17 -16.94 5.07 -10.91
CA ASP A 17 -15.66 4.69 -11.48
C ASP A 17 -14.77 4.01 -10.44
N VAL A 18 -14.69 4.61 -9.25
CA VAL A 18 -13.77 4.14 -8.21
C VAL A 18 -14.21 2.84 -7.58
N LEU A 19 -15.52 2.67 -7.40
CA LEU A 19 -16.07 1.46 -6.79
C LEU A 19 -16.36 0.36 -7.81
N GLY A 20 -16.32 0.72 -9.10
CA GLY A 20 -16.54 -0.22 -10.18
C GLY A 20 -18.00 -0.68 -10.25
N ILE A 21 -18.90 0.27 -10.05
CA ILE A 21 -20.33 -0.02 -9.98
C ILE A 21 -21.04 0.84 -11.01
N GLU A 22 -21.88 0.23 -11.82
CA GLU A 22 -22.46 0.93 -12.96
C GLU A 22 -23.34 2.12 -12.57
N LYS A 23 -24.23 1.92 -11.61
CA LYS A 23 -25.10 2.99 -11.17
C LYS A 23 -25.16 3.08 -9.66
N ILE A 24 -24.80 4.25 -9.17
CA ILE A 24 -24.84 4.50 -7.74
C ILE A 24 -25.83 5.61 -7.43
N GLY A 25 -26.68 5.35 -6.45
CA GLY A 25 -27.69 6.31 -6.03
C GLY A 25 -27.15 7.14 -4.89
N ILE A 26 -27.73 8.31 -4.66
CA ILE A 26 -27.14 9.25 -3.73
C ILE A 26 -27.37 8.89 -2.26
N LYS A 27 -28.14 7.83 -2.00
CA LYS A 27 -28.28 7.37 -0.62
C LYS A 27 -27.56 6.04 -0.39
N ASP A 28 -26.76 5.62 -1.38
CA ASP A 28 -26.00 4.38 -1.27
C ASP A 28 -24.80 4.58 -0.35
N ASN A 29 -24.54 3.61 0.51
CA ASN A 29 -23.49 3.76 1.51
C ASN A 29 -22.15 3.33 0.92
N PHE A 30 -21.16 4.22 1.01
CA PHE A 30 -19.84 4.00 0.42
C PHE A 30 -19.23 2.64 0.81
N TYR A 31 -19.33 2.29 2.08
CA TYR A 31 -18.67 1.09 2.61
C TYR A 31 -19.49 -0.16 2.34
N ALA A 32 -20.81 -0.01 2.31
CA ALA A 32 -21.67 -1.11 1.88
C ALA A 32 -21.44 -1.48 0.42
N LEU A 33 -20.90 -0.55 -0.36
CA LEU A 33 -20.60 -0.80 -1.77
C LEU A 33 -19.18 -1.29 -1.99
N GLY A 34 -18.44 -1.48 -0.89
CA GLY A 34 -17.11 -2.03 -0.95
C GLY A 34 -16.02 -0.99 -0.86
N GLY A 35 -16.40 0.23 -0.51
CA GLY A 35 -15.43 1.29 -0.28
C GLY A 35 -14.54 0.99 0.92
N ASP A 36 -13.37 1.61 0.93
CA ASP A 36 -12.41 1.44 2.01
C ASP A 36 -11.47 2.63 2.03
N SER A 37 -10.48 2.59 2.91
CA SER A 37 -9.57 3.71 3.03
C SER A 37 -8.89 4.13 1.74
N ILE A 38 -8.46 3.14 0.95
CA ILE A 38 -7.76 3.45 -0.28
C ILE A 38 -8.70 4.00 -1.34
N LYS A 39 -9.89 3.41 -1.46
CA LYS A 39 -10.85 3.95 -2.42
C LYS A 39 -11.28 5.37 -2.01
N ALA A 40 -11.31 5.66 -0.71
CA ALA A 40 -11.56 7.04 -0.31
C ALA A 40 -10.48 8.03 -0.81
N ILE A 41 -9.22 7.61 -0.74
CA ILE A 41 -8.14 8.40 -1.30
C ILE A 41 -8.29 8.57 -2.82
N GLN A 42 -8.73 7.52 -3.50
CA GLN A 42 -8.97 7.60 -4.94
C GLN A 42 -10.07 8.59 -5.31
N VAL A 43 -11.07 8.64 -4.46
CA VAL A 43 -12.14 9.63 -4.63
C VAL A 43 -11.59 11.02 -4.46
N ALA A 44 -10.79 11.23 -3.40
CA ALA A 44 -10.16 12.53 -3.20
C ALA A 44 -9.28 12.93 -4.39
N ALA A 45 -8.52 11.97 -4.93
CA ALA A 45 -7.66 12.24 -6.08
C ALA A 45 -8.47 12.69 -7.28
N ARG A 46 -9.56 11.98 -7.54
CA ARG A 46 -10.41 12.28 -8.68
C ARG A 46 -11.07 13.65 -8.50
N LEU A 47 -11.49 13.97 -7.28
CA LEU A 47 -12.09 15.27 -7.04
C LEU A 47 -11.11 16.42 -7.30
N HIS A 48 -9.83 16.20 -6.98
CA HIS A 48 -8.80 17.23 -7.17
C HIS A 48 -8.76 17.72 -8.63
N SER A 49 -9.10 16.86 -9.57
CA SER A 49 -9.07 17.20 -10.98
C SER A 49 -10.24 18.10 -11.37
N TYR A 50 -11.29 18.10 -10.55
CA TYR A 50 -12.43 19.00 -10.75
C TYR A 50 -12.28 20.25 -9.88
N GLN A 51 -11.07 20.50 -9.39
CA GLN A 51 -10.81 21.55 -8.40
C GLN A 51 -11.76 21.44 -7.20
N LEU A 52 -11.98 20.22 -6.72
CA LEU A 52 -12.76 20.00 -5.51
C LEU A 52 -11.92 19.29 -4.48
N LYS A 53 -12.29 19.46 -3.21
CA LYS A 53 -11.49 18.94 -2.13
C LYS A 53 -12.34 18.11 -1.19
N LEU A 54 -11.88 16.89 -0.93
CA LEU A 54 -12.51 16.03 0.05
C LEU A 54 -11.51 15.73 1.15
N GLU A 55 -11.94 15.93 2.39
CA GLU A 55 -11.20 15.43 3.53
C GLU A 55 -11.64 14.00 3.76
N THR A 56 -10.74 13.04 3.58
CA THR A 56 -11.18 11.63 3.56
C THR A 56 -11.82 11.20 4.90
N LYS A 57 -11.43 11.84 6.00
CA LYS A 57 -12.09 11.55 7.28
C LYS A 57 -13.60 11.84 7.18
N ASP A 58 -13.98 12.75 6.30
CA ASP A 58 -15.39 13.11 6.17
C ASP A 58 -16.23 12.01 5.55
N LEU A 59 -15.60 11.16 4.74
CA LEU A 59 -16.31 10.06 4.10
C LEU A 59 -16.77 9.06 5.16
N LEU A 60 -15.94 8.87 6.20
CA LEU A 60 -16.34 8.02 7.32
C LEU A 60 -17.60 8.52 8.03
N LYS A 61 -17.66 9.83 8.21
CA LYS A 61 -18.72 10.45 8.97
C LYS A 61 -20.00 10.58 8.15
N TYR A 62 -19.83 10.83 6.86
CA TYR A 62 -20.94 11.09 5.94
C TYR A 62 -20.87 10.20 4.71
N PRO A 63 -21.22 8.92 4.87
CA PRO A 63 -20.89 7.92 3.86
C PRO A 63 -21.89 7.74 2.71
N THR A 64 -22.70 8.75 2.45
CA THR A 64 -23.58 8.75 1.28
C THR A 64 -23.38 10.05 0.55
N ILE A 65 -23.65 10.06 -0.74
CA ILE A 65 -23.37 11.24 -1.52
C ILE A 65 -24.27 12.36 -1.04
N ASP A 66 -25.49 12.01 -0.66
CA ASP A 66 -26.47 13.00 -0.24
C ASP A 66 -25.99 13.77 0.97
N GLN A 67 -25.31 13.08 1.88
CA GLN A 67 -24.72 13.75 3.02
C GLN A 67 -23.43 14.46 2.66
N LEU A 68 -22.59 13.80 1.86
CA LEU A 68 -21.21 14.22 1.73
C LEU A 68 -21.05 15.48 0.89
N VAL A 69 -22.01 15.73 0.01
CA VAL A 69 -21.92 16.84 -0.92
C VAL A 69 -21.67 18.17 -0.18
N HIS A 70 -22.24 18.33 1.00
CA HIS A 70 -22.09 19.59 1.73
CA HIS A 70 -22.07 19.59 1.73
C HIS A 70 -20.64 19.79 2.19
N TYR A 71 -19.92 18.71 2.40
CA TYR A 71 -18.57 18.81 2.94
C TYR A 71 -17.47 18.86 1.88
N ILE A 72 -17.85 18.81 0.61
CA ILE A 72 -16.91 19.00 -0.48
C ILE A 72 -16.65 20.50 -0.68
N LYS A 73 -15.38 20.88 -0.70
CA LYS A 73 -14.97 22.29 -0.76
C LYS A 73 -14.25 22.60 -2.07
N ASP A 74 -14.28 23.86 -2.50
CA ASP A 74 -13.48 24.29 -3.64
C ASP A 74 -12.02 24.20 -3.26
N SER A 75 -11.19 23.72 -4.18
CA SER A 75 -9.75 23.71 -3.95
C SER A 75 -9.25 25.15 -3.77
N LYS A 76 -8.49 25.37 -2.72
CA LYS A 76 -7.99 26.71 -2.45
C LYS A 76 -6.49 26.78 -2.66
N ARG A 77 -6.01 26.09 -3.70
CA ARG A 77 -4.60 26.06 -3.97
C ARG A 77 -4.14 25.10 -5.05
N ARG A 78 -3.12 25.48 -5.79
CA ARG A 78 -2.61 24.61 -6.84
C ARG A 78 -1.24 24.03 -6.51
N SER A 79 -1.04 22.77 -6.81
CA SER A 79 0.21 22.11 -6.55
C SER A 79 1.22 22.38 -7.66
N GLU A 80 2.47 22.07 -7.41
CA GLU A 80 3.48 22.26 -8.46
C GLU A 80 3.11 21.45 -9.70
N GLN A 81 2.91 22.12 -10.83
CA GLN A 81 2.62 21.38 -12.07
C GLN A 81 3.85 21.20 -12.96
N GLY A 82 4.94 21.86 -12.59
CA GLY A 82 6.15 21.83 -13.41
C GLY A 82 7.09 20.70 -13.07
N ILE A 83 8.28 20.74 -13.62
CA ILE A 83 9.28 19.69 -13.38
C ILE A 83 9.96 19.87 -12.03
N VAL A 84 9.65 18.98 -11.10
CA VAL A 84 10.22 19.04 -9.74
C VAL A 84 11.68 18.63 -9.77
N GLU A 85 12.54 19.44 -9.14
CA GLU A 85 13.97 19.13 -9.02
C GLU A 85 14.54 19.52 -7.67
N GLY A 86 15.63 18.87 -7.29
CA GLY A 86 16.38 19.26 -6.12
C GLY A 86 16.48 18.19 -5.06
N GLU A 87 17.17 18.51 -3.97
CA GLU A 87 17.34 17.56 -2.87
C GLU A 87 16.02 17.42 -2.13
N ILE A 88 15.78 16.21 -1.63
CA ILE A 88 14.56 15.91 -0.90
C ILE A 88 14.93 15.17 0.40
N GLY A 89 14.47 15.64 1.54
CA GLY A 89 14.77 14.92 2.76
C GLY A 89 14.15 13.53 2.78
N LEU A 90 14.85 12.53 3.30
CA LEU A 90 14.25 11.19 3.41
C LEU A 90 13.01 11.25 4.29
N THR A 91 11.97 10.52 3.91
CA THR A 91 10.77 10.38 4.73
C THR A 91 10.95 9.18 5.66
N PRO A 92 10.04 8.97 6.63
CA PRO A 92 10.38 7.97 7.65
C PRO A 92 10.67 6.56 7.12
N ILE A 93 9.85 6.03 6.21
CA ILE A 93 10.12 4.68 5.75
C ILE A 93 11.40 4.62 4.90
N GLN A 94 11.77 5.74 4.28
CA GLN A 94 13.04 5.80 3.56
C GLN A 94 14.20 5.80 4.55
N HIS A 95 14.07 6.51 5.67
CA HIS A 95 15.11 6.38 6.71
C HIS A 95 15.22 4.93 7.18
N TRP A 96 14.07 4.29 7.44
CA TRP A 96 14.04 2.88 7.81
C TRP A 96 14.81 2.05 6.79
N PHE A 97 14.54 2.30 5.51
CA PHE A 97 15.18 1.50 4.46
C PHE A 97 16.72 1.57 4.49
N PHE A 98 17.25 2.78 4.52
CA PHE A 98 18.70 2.92 4.49
C PHE A 98 19.34 2.46 5.80
N GLU A 99 18.60 2.60 6.90
CA GLU A 99 19.07 2.11 8.19
C GLU A 99 19.30 0.61 8.18
N GLN A 100 18.54 -0.13 7.37
CA GLN A 100 18.69 -1.59 7.31
C GLN A 100 20.01 -2.00 6.66
N GLN A 101 20.58 -1.12 5.85
CA GLN A 101 21.79 -1.39 5.08
C GLN A 101 21.76 -2.77 4.43
N PHE A 102 20.71 -3.01 3.64
CA PHE A 102 20.57 -4.28 2.93
C PHE A 102 21.73 -4.56 2.00
N THR A 103 22.14 -5.82 1.95
CA THR A 103 23.05 -6.25 0.90
C THR A 103 22.39 -6.04 -0.46
N ASN A 104 23.14 -5.41 -1.37
CA ASN A 104 22.67 -5.12 -2.72
C ASN A 104 21.33 -4.38 -2.69
N MET A 105 21.30 -3.28 -1.95
CA MET A 105 20.05 -2.61 -1.67
C MET A 105 19.47 -1.94 -2.92
N HIS A 106 20.25 -1.90 -4.00
CA HIS A 106 19.74 -1.42 -5.27
C HIS A 106 18.70 -2.40 -5.82
N HIS A 107 18.65 -3.58 -5.23
CA HIS A 107 17.71 -4.60 -5.66
C HIS A 107 16.70 -4.79 -4.54
N TRP A 108 15.63 -3.99 -4.58
CA TRP A 108 14.67 -3.99 -3.49
C TRP A 108 13.43 -3.27 -4.03
N ASN A 109 12.63 -4.01 -4.79
CA ASN A 109 11.68 -3.43 -5.76
C ASN A 109 10.25 -3.88 -5.50
N GLN A 110 9.31 -3.21 -6.17
CA GLN A 110 8.02 -3.81 -6.48
C GLN A 110 7.94 -4.02 -7.97
N SER A 111 7.01 -4.85 -8.40
CA SER A 111 6.86 -5.09 -9.83
C SER A 111 5.40 -5.41 -10.13
N TYR A 112 5.07 -5.39 -11.41
CA TYR A 112 3.74 -5.76 -11.87
C TYR A 112 3.83 -6.13 -13.34
N MET A 113 2.92 -6.98 -13.78
CA MET A 113 2.82 -7.34 -15.19
C MET A 113 1.38 -7.24 -15.66
N LEU A 114 1.18 -6.54 -16.77
CA LEU A 114 -0.13 -6.40 -17.38
C LEU A 114 -0.15 -7.14 -18.71
N TYR A 115 -1.35 -7.38 -19.22
CA TYR A 115 -1.53 -8.25 -20.40
C TYR A 115 -2.57 -7.69 -21.33
N ARG A 116 -2.25 -7.67 -22.63
CA ARG A 116 -3.20 -7.24 -23.63
C ARG A 116 -3.19 -8.28 -24.75
N PRO A 117 -4.28 -9.03 -24.87
CA PRO A 117 -4.32 -10.11 -25.87
C PRO A 117 -4.07 -9.59 -27.28
N ASN A 118 -4.55 -8.39 -27.60
CA ASN A 118 -4.36 -7.82 -28.93
C ASN A 118 -3.03 -7.10 -29.12
N GLY A 119 -2.20 -7.13 -28.08
CA GLY A 119 -0.86 -6.58 -28.17
C GLY A 119 -0.77 -5.11 -27.82
N PHE A 120 0.45 -4.71 -27.44
CA PHE A 120 0.80 -3.31 -27.21
C PHE A 120 1.67 -2.79 -28.35
N ASP A 121 1.46 -1.54 -28.74
CA ASP A 121 2.31 -0.85 -29.69
C ASP A 121 3.49 -0.27 -28.92
N LYS A 122 4.69 -0.79 -29.16
CA LYS A 122 5.85 -0.40 -28.37
C LYS A 122 6.20 1.07 -28.56
N GLU A 123 5.97 1.61 -29.76
CA GLU A 123 6.28 3.01 -29.99
C GLU A 123 5.36 3.89 -29.16
N ILE A 124 4.09 3.50 -29.07
CA ILE A 124 3.16 4.21 -28.18
C ILE A 124 3.62 4.08 -26.72
N LEU A 125 3.95 2.87 -26.29
CA LEU A 125 4.39 2.69 -24.91
C LEU A 125 5.58 3.57 -24.56
N LEU A 126 6.55 3.71 -25.47
CA LEU A 126 7.70 4.57 -25.18
C LEU A 126 7.28 6.02 -24.95
N ARG A 127 6.34 6.50 -25.76
CA ARG A 127 5.81 7.85 -25.58
C ARG A 127 5.03 7.98 -24.27
N VAL A 128 4.24 6.96 -23.95
CA VAL A 128 3.46 6.93 -22.70
C VAL A 128 4.39 6.95 -21.49
N PHE A 129 5.42 6.11 -21.49
CA PHE A 129 6.26 6.07 -20.30
C PHE A 129 7.12 7.34 -20.20
N ASN A 130 7.45 7.95 -21.34
CA ASN A 130 8.07 9.28 -21.34
C ASN A 130 7.22 10.28 -20.56
N LYS A 131 5.91 10.24 -20.80
CA LYS A 131 4.99 11.18 -20.17
C LYS A 131 4.85 10.87 -18.69
N ILE A 132 4.78 9.57 -18.39
CA ILE A 132 4.63 9.10 -17.01
C ILE A 132 5.82 9.54 -16.13
N VAL A 133 7.05 9.43 -16.63
CA VAL A 133 8.21 9.80 -15.80
C VAL A 133 8.41 11.30 -15.74
N GLU A 134 7.84 12.02 -16.70
CA GLU A 134 7.77 13.47 -16.62
C GLU A 134 6.78 13.91 -15.54
N HIS A 135 5.64 13.24 -15.52
CA HIS A 135 4.50 13.67 -14.71
C HIS A 135 4.63 13.27 -13.25
N HIS A 136 5.15 12.07 -13.04
CA HIS A 136 5.28 11.52 -11.70
C HIS A 136 6.73 11.63 -11.25
N ASP A 137 7.04 12.84 -10.76
CA ASP A 137 8.42 13.28 -10.61
C ASP A 137 9.29 12.38 -9.75
N ALA A 138 8.75 11.76 -8.71
CA ALA A 138 9.60 10.95 -7.82
C ALA A 138 10.26 9.75 -8.54
N LEU A 139 9.70 9.37 -9.67
CA LEU A 139 10.25 8.26 -10.41
C LEU A 139 11.65 8.59 -10.92
N ARG A 140 11.97 9.87 -10.96
CA ARG A 140 13.25 10.33 -11.49
C ARG A 140 14.31 10.48 -10.38
N MET A 141 14.02 9.94 -9.20
CA MET A 141 14.93 10.06 -8.05
C MET A 141 16.25 9.32 -8.24
N ILE A 142 17.33 9.89 -7.70
CA ILE A 142 18.55 9.14 -7.47
C ILE A 142 19.04 9.35 -6.03
N TYR A 143 19.97 8.51 -5.62
CA TYR A 143 20.47 8.50 -4.25
C TYR A 143 21.98 8.48 -4.31
N LYS A 144 22.58 9.54 -3.82
CA LYS A 144 24.03 9.72 -3.83
C LYS A 144 24.60 9.69 -2.42
N HIS A 145 25.91 9.48 -2.32
CA HIS A 145 26.64 9.57 -1.05
C HIS A 145 27.42 10.87 -0.97
N HIS A 146 27.18 11.65 0.08
CA HIS A 146 27.93 12.88 0.29
C HIS A 146 28.26 13.00 1.77
N ASN A 147 29.54 12.97 2.10
CA ASN A 147 29.99 12.97 3.49
C ASN A 147 29.54 11.71 4.20
N GLY A 148 29.47 10.61 3.46
CA GLY A 148 29.01 9.35 4.01
C GLY A 148 27.51 9.31 4.27
N LYS A 149 26.84 10.45 4.04
CA LYS A 149 25.40 10.55 4.27
C LYS A 149 24.63 10.44 2.95
N ILE A 150 23.47 9.80 2.98
CA ILE A 150 22.66 9.63 1.78
C ILE A 150 22.05 10.96 1.37
N VAL A 151 22.10 11.26 0.07
CA VAL A 151 21.44 12.44 -0.44
C VAL A 151 20.43 12.00 -1.53
N GLN A 152 19.16 12.28 -1.31
CA GLN A 152 18.10 11.95 -2.27
C GLN A 152 17.86 13.14 -3.16
N ILE A 153 17.94 12.95 -4.46
CA ILE A 153 17.78 14.02 -5.40
C ILE A 153 16.77 13.70 -6.47
N ASN A 154 15.86 14.61 -6.71
CA ASN A 154 14.87 14.46 -7.76
C ASN A 154 15.50 15.05 -9.03
N ARG A 155 15.80 14.21 -9.99
CA ARG A 155 16.33 14.67 -11.24
C ARG A 155 15.28 15.43 -12.01
N GLY A 156 15.74 16.14 -13.02
CA GLY A 156 14.87 16.82 -13.91
C GLY A 156 14.78 15.87 -15.09
N LEU A 157 14.53 16.40 -16.27
CA LEU A 157 14.44 15.60 -17.47
C LEU A 157 15.84 15.42 -18.05
N GLU A 158 16.60 14.54 -17.45
CA GLU A 158 17.97 14.31 -17.83
C GLU A 158 18.38 12.86 -17.67
N GLY A 159 19.38 12.47 -18.43
CA GLY A 159 19.80 11.08 -18.46
C GLY A 159 18.74 10.14 -18.99
N THR A 160 18.71 8.95 -18.40
CA THR A 160 17.70 7.96 -18.73
C THR A 160 16.76 7.82 -17.54
N LEU A 161 15.46 7.99 -17.78
CA LEU A 161 14.47 7.91 -16.70
C LEU A 161 13.77 6.56 -16.62
N PHE A 162 13.86 5.76 -17.69
CA PHE A 162 13.45 4.37 -17.60
C PHE A 162 14.19 3.59 -18.66
N ASP A 163 14.48 2.33 -18.36
CA ASP A 163 15.00 1.42 -19.39
C ASP A 163 13.83 0.63 -19.94
N PHE A 164 13.83 0.37 -21.24
CA PHE A 164 12.75 -0.36 -21.87
C PHE A 164 13.34 -1.43 -22.80
N TYR A 165 12.94 -2.67 -22.60
CA TYR A 165 13.41 -3.81 -23.39
C TYR A 165 12.25 -4.49 -24.11
N THR A 166 12.49 -4.98 -25.33
CA THR A 166 11.45 -5.67 -26.08
C THR A 166 11.95 -7.07 -26.40
N PHE A 167 11.15 -8.10 -26.07
CA PHE A 167 11.54 -9.48 -26.30
C PHE A 167 10.54 -10.18 -27.21
N ASP A 168 11.01 -10.75 -28.33
CA ASP A 168 10.14 -11.51 -29.20
C ASP A 168 10.18 -12.97 -28.77
N LEU A 169 9.11 -13.43 -28.10
CA LEU A 169 9.04 -14.79 -27.62
C LEU A 169 8.09 -15.64 -28.47
N THR A 170 7.76 -15.15 -29.67
CA THR A 170 6.72 -15.78 -30.49
C THR A 170 7.10 -17.20 -30.93
N ALA A 171 8.40 -17.49 -30.95
CA ALA A 171 8.89 -18.81 -31.31
C ALA A 171 9.31 -19.66 -30.10
N ASN A 172 9.00 -19.16 -28.91
CA ASN A 172 9.28 -19.86 -27.68
C ASN A 172 8.02 -20.53 -27.22
N ASP A 173 8.19 -21.66 -26.57
CA ASP A 173 7.06 -22.35 -26.01
C ASP A 173 7.30 -22.55 -24.50
N ASN A 174 8.30 -21.84 -23.98
CA ASN A 174 8.65 -21.84 -22.56
C ASN A 174 8.56 -20.38 -22.13
N GLU A 175 7.46 -19.73 -22.50
CA GLU A 175 7.27 -18.30 -22.27
C GLU A 175 7.43 -17.93 -20.81
N GLN A 176 6.78 -18.70 -19.93
CA GLN A 176 6.81 -18.39 -18.50
C GLN A 176 8.24 -18.35 -17.99
N GLN A 177 9.03 -19.35 -18.38
CA GLN A 177 10.39 -19.44 -17.88
C GLN A 177 11.24 -18.28 -18.40
N VAL A 178 11.01 -17.90 -19.65
CA VAL A 178 11.82 -16.86 -20.27
C VAL A 178 11.47 -15.51 -19.65
N ILE A 179 10.19 -15.30 -19.40
CA ILE A 179 9.75 -14.07 -18.74
C ILE A 179 10.34 -13.94 -17.35
N CYS A 180 10.34 -15.04 -16.59
CA CYS A 180 10.98 -15.01 -15.29
C CYS A 180 12.47 -14.71 -15.42
N GLU A 181 13.17 -15.40 -16.33
CA GLU A 181 14.60 -15.16 -16.50
C GLU A 181 14.92 -13.74 -16.94
N GLU A 182 14.21 -13.23 -17.96
CA GLU A 182 14.54 -11.91 -18.49
C GLU A 182 14.14 -10.81 -17.53
N SER A 183 13.00 -10.96 -16.87
CA SER A 183 12.58 -9.91 -15.92
C SER A 183 13.47 -9.90 -14.68
N ALA A 184 13.97 -11.05 -14.26
CA ALA A 184 14.92 -11.09 -13.16
C ALA A 184 16.18 -10.26 -13.48
N ARG A 185 16.61 -10.25 -14.73
CA ARG A 185 17.78 -9.47 -15.10
C ARG A 185 17.48 -7.98 -15.06
N LEU A 186 16.23 -7.60 -15.32
CA LEU A 186 15.85 -6.20 -15.15
C LEU A 186 15.83 -5.87 -13.67
N GLN A 187 15.26 -6.76 -12.87
CA GLN A 187 15.09 -6.45 -11.45
C GLN A 187 16.40 -6.19 -10.70
N ASN A 188 17.48 -6.85 -11.12
CA ASN A 188 18.72 -6.73 -10.36
C ASN A 188 19.69 -5.73 -10.97
N SER A 189 19.20 -4.92 -11.90
CA SER A 189 20.07 -4.05 -12.67
C SER A 189 19.88 -2.55 -12.41
N ILE A 190 19.14 -2.22 -11.35
CA ILE A 190 18.98 -0.83 -10.97
C ILE A 190 20.24 -0.26 -10.33
N ASN A 191 20.60 0.93 -10.77
CA ASN A 191 21.70 1.68 -10.18
C ASN A 191 21.14 2.90 -9.44
N LEU A 192 21.18 2.90 -8.11
CA LEU A 192 20.51 3.97 -7.38
C LEU A 192 21.19 5.32 -7.52
N GLU A 193 22.49 5.33 -7.82
CA GLU A 193 23.19 6.61 -7.88
C GLU A 193 23.00 7.34 -9.20
N VAL A 194 22.76 6.60 -10.29
CA VAL A 194 22.61 7.26 -11.59
C VAL A 194 21.21 7.09 -12.22
N GLY A 195 20.47 6.06 -11.79
CA GLY A 195 19.17 5.81 -12.37
C GLY A 195 19.35 5.05 -13.66
N PRO A 196 18.25 4.60 -14.31
CA PRO A 196 16.86 4.76 -13.86
C PRO A 196 16.47 3.76 -12.75
N LEU A 197 15.41 4.12 -12.02
CA LEU A 197 14.84 3.25 -11.01
C LEU A 197 13.63 2.49 -11.57
N VAL A 198 13.35 2.70 -12.85
CA VAL A 198 12.20 2.12 -13.55
C VAL A 198 12.74 1.24 -14.70
N LYS A 199 12.35 -0.04 -14.71
CA LYS A 199 12.80 -1.03 -15.70
C LYS A 199 11.56 -1.68 -16.30
N ILE A 200 11.43 -1.63 -17.63
CA ILE A 200 10.22 -2.10 -18.29
C ILE A 200 10.59 -3.15 -19.34
N ALA A 201 9.84 -4.24 -19.40
CA ALA A 201 10.04 -5.17 -20.53
C ALA A 201 8.71 -5.47 -21.22
N LEU A 202 8.76 -5.55 -22.54
CA LEU A 202 7.59 -5.90 -23.32
C LEU A 202 7.84 -7.25 -23.94
N PHE A 203 7.00 -8.22 -23.58
CA PHE A 203 7.15 -9.59 -24.06
C PHE A 203 6.08 -9.90 -25.09
N HIS A 204 6.50 -10.10 -26.34
CA HIS A 204 5.59 -10.47 -27.42
C HIS A 204 5.47 -11.98 -27.42
N THR A 205 4.25 -12.49 -27.29
CA THR A 205 4.04 -13.93 -27.27
C THR A 205 2.93 -14.31 -28.23
N GLN A 206 2.66 -15.61 -28.33
CA GLN A 206 1.61 -16.10 -29.20
C GLN A 206 0.22 -15.67 -28.73
N ASN A 207 0.05 -15.52 -27.41
CA ASN A 207 -1.25 -15.16 -26.87
C ASN A 207 -1.40 -13.66 -26.61
N GLY A 208 -0.47 -12.87 -27.11
CA GLY A 208 -0.54 -11.43 -26.95
C GLY A 208 0.68 -10.89 -26.24
N ASP A 209 0.62 -9.65 -25.76
CA ASP A 209 1.81 -9.01 -25.16
C ASP A 209 1.68 -8.87 -23.66
N HIS A 210 2.80 -9.09 -22.98
CA HIS A 210 2.86 -8.94 -21.52
C HIS A 210 3.84 -7.84 -21.18
N LEU A 211 3.38 -6.87 -20.38
CA LEU A 211 4.17 -5.69 -20.09
C LEU A 211 4.60 -5.75 -18.65
N PHE A 212 5.90 -5.93 -18.43
CA PHE A 212 6.48 -6.12 -17.10
C PHE A 212 7.10 -4.82 -16.61
N MET A 213 6.83 -4.42 -15.36
CA MET A 213 7.43 -3.19 -14.84
C MET A 213 8.03 -3.47 -13.50
N ALA A 214 9.25 -2.99 -13.25
CA ALA A 214 9.88 -3.10 -11.94
C ALA A 214 10.32 -1.73 -11.54
N ILE A 215 10.05 -1.35 -10.30
CA ILE A 215 10.37 -0.01 -9.82
C ILE A 215 10.98 -0.15 -8.44
N HIS A 216 12.13 0.47 -8.19
CA HIS A 216 12.69 0.37 -6.85
C HIS A 216 11.70 0.89 -5.81
N HIS A 217 11.62 0.20 -4.66
CA HIS A 217 10.59 0.56 -3.68
C HIS A 217 10.74 1.99 -3.11
N LEU A 218 11.94 2.56 -3.24
CA LEU A 218 12.18 3.90 -2.68
C LEU A 218 11.24 4.95 -3.26
N VAL A 219 10.70 4.71 -4.46
CA VAL A 219 9.90 5.71 -5.12
C VAL A 219 8.46 5.23 -5.48
N VAL A 220 8.00 4.14 -4.87
CA VAL A 220 6.67 3.65 -5.23
C VAL A 220 5.99 2.89 -4.08
N ASP A 221 4.66 2.72 -4.17
CA ASP A 221 3.96 1.89 -3.21
C ASP A 221 2.62 1.49 -3.83
N GLY A 222 1.82 0.71 -3.10
CA GLY A 222 0.56 0.19 -3.64
C GLY A 222 -0.39 1.22 -4.24
N ILE A 223 -0.57 2.30 -3.52
CA ILE A 223 -1.44 3.36 -4.05
C ILE A 223 -0.83 3.97 -5.34
N SER A 224 0.49 4.14 -5.33
CA SER A 224 1.20 4.70 -6.47
C SER A 224 1.02 3.81 -7.70
N TRP A 225 1.07 2.51 -7.52
CA TRP A 225 0.90 1.61 -8.68
C TRP A 225 -0.46 1.81 -9.30
N ARG A 226 -1.49 2.02 -8.46
CA ARG A 226 -2.82 2.24 -9.03
C ARG A 226 -2.83 3.51 -9.86
N ILE A 227 -2.13 4.53 -9.39
CA ILE A 227 -2.06 5.81 -10.11
C ILE A 227 -1.40 5.56 -11.47
N LEU A 228 -0.30 4.82 -11.45
CA LEU A 228 0.43 4.53 -12.69
C LEU A 228 -0.40 3.72 -13.66
N PHE A 229 -1.17 2.75 -13.16
CA PHE A 229 -2.02 1.98 -14.09
C PHE A 229 -3.06 2.89 -14.74
N GLU A 230 -3.61 3.82 -13.96
CA GLU A 230 -4.66 4.68 -14.51
C GLU A 230 -4.07 5.60 -15.59
N ASP A 231 -2.89 6.13 -15.34
CA ASP A 231 -2.31 7.05 -16.33
C ASP A 231 -1.74 6.32 -17.53
N LEU A 232 -1.28 5.09 -17.32
CA LEU A 232 -0.87 4.23 -18.46
C LEU A 232 -2.06 4.02 -19.39
N ALA A 233 -3.20 3.66 -18.79
CA ALA A 233 -4.41 3.41 -19.58
C ALA A 233 -4.87 4.68 -20.30
N THR A 234 -4.83 5.81 -19.61
CA THR A 234 -5.30 7.08 -20.18
C THR A 234 -4.41 7.54 -21.33
N ALA A 235 -3.10 7.56 -21.07
CA ALA A 235 -2.13 8.01 -22.05
C ALA A 235 -2.12 7.10 -23.28
N TYR A 236 -2.23 5.81 -23.05
CA TYR A 236 -2.17 4.86 -24.15
C TYR A 236 -3.38 5.05 -25.06
N GLU A 237 -4.55 5.23 -24.44
CA GLU A 237 -5.79 5.43 -25.19
C GLU A 237 -5.75 6.74 -25.98
N GLN A 238 -5.23 7.80 -25.37
CA GLN A 238 -5.04 9.06 -26.08
C GLN A 238 -4.11 8.86 -27.27
N ALA A 239 -2.94 8.28 -27.03
CA ALA A 239 -1.98 8.14 -28.12
C ALA A 239 -2.51 7.23 -29.22
N MET A 240 -3.21 6.16 -28.86
CA MET A 240 -3.60 5.16 -29.87
C MET A 240 -4.67 5.78 -30.78
N HIS A 241 -5.33 6.82 -30.29
CA HIS A 241 -6.34 7.53 -31.07
C HIS A 241 -5.79 8.85 -31.57
N GLN A 242 -4.47 8.97 -31.59
CA GLN A 242 -3.78 10.17 -32.06
C GLN A 242 -4.27 11.45 -31.42
N GLN A 243 -4.53 11.41 -30.12
CA GLN A 243 -4.82 12.62 -29.35
C GLN A 243 -3.63 13.00 -28.51
N THR A 244 -3.52 14.28 -28.15
CA THR A 244 -2.41 14.68 -27.30
C THR A 244 -2.50 13.98 -25.95
N ILE A 245 -1.36 13.51 -25.47
CA ILE A 245 -1.30 12.85 -24.17
C ILE A 245 -1.46 13.92 -23.12
N ALA A 246 -2.40 13.70 -22.21
CA ALA A 246 -2.66 14.67 -21.15
C ALA A 246 -3.15 13.96 -19.91
N LEU A 247 -2.42 14.14 -18.82
CA LEU A 247 -2.77 13.48 -17.57
C LEU A 247 -3.42 14.50 -16.62
N PRO A 248 -4.12 13.99 -15.58
CA PRO A 248 -4.72 14.87 -14.57
C PRO A 248 -3.67 15.77 -13.93
N GLU A 249 -4.10 16.90 -13.38
CA GLU A 249 -3.20 17.81 -12.69
C GLU A 249 -2.45 17.06 -11.59
N LYS A 250 -1.21 17.45 -11.34
CA LYS A 250 -0.42 16.87 -10.26
C LYS A 250 -0.99 17.27 -8.93
N THR A 251 -0.99 16.35 -7.99
CA THR A 251 -1.17 16.74 -6.59
C THR A 251 0.22 17.12 -6.07
N ASP A 252 0.37 17.28 -4.75
CA ASP A 252 1.61 17.86 -4.23
C ASP A 252 2.79 16.93 -4.42
N SER A 253 3.94 17.50 -4.71
CA SER A 253 5.13 16.71 -4.98
C SER A 253 5.65 16.00 -3.75
N PHE A 254 6.37 14.91 -3.99
CA PHE A 254 7.02 14.20 -2.92
C PHE A 254 7.98 15.17 -2.26
N LYS A 255 8.60 16.03 -3.06
CA LYS A 255 9.49 17.05 -2.53
C LYS A 255 8.76 17.97 -1.54
N ASP A 256 7.65 18.55 -1.96
CA ASP A 256 6.90 19.46 -1.10
C ASP A 256 6.36 18.75 0.14
N TRP A 257 5.86 17.52 -0.06
CA TRP A 257 5.42 16.69 1.07
C TRP A 257 6.54 16.50 2.12
N SER A 258 7.73 16.13 1.67
CA SER A 258 8.83 15.87 2.59
C SER A 258 9.22 17.13 3.37
N ILE A 259 9.16 18.28 2.70
CA ILE A 259 9.49 19.54 3.38
C ILE A 259 8.51 19.80 4.52
N GLU A 260 7.22 19.68 4.22
CA GLU A 260 6.19 19.95 5.19
C GLU A 260 6.18 18.90 6.29
N LEU A 261 6.56 17.67 5.96
CA LEU A 261 6.54 16.60 6.93
C LEU A 261 7.60 16.83 7.99
N GLU A 262 8.76 17.29 7.55
CA GLU A 262 9.86 17.48 8.48
C GLU A 262 9.52 18.64 9.43
N LYS A 263 8.77 19.62 8.94
CA LYS A 263 8.32 20.74 9.78
C LYS A 263 7.29 20.26 10.78
N TYR A 264 6.37 19.46 10.27
CA TYR A 264 5.36 18.87 11.14
C TYR A 264 6.02 18.10 12.28
N ALA A 265 7.13 17.42 11.99
CA ALA A 265 7.79 16.52 12.94
C ALA A 265 8.27 17.26 14.19
N ASN A 266 8.48 18.56 14.03
CA ASN A 266 8.95 19.39 15.13
C ASN A 266 7.93 20.44 15.60
N SER A 267 6.69 20.29 15.16
CA SER A 267 5.66 21.25 15.53
C SER A 267 5.11 20.91 16.90
N GLU A 268 4.69 21.91 17.66
CA GLU A 268 4.22 21.63 19.00
C GLU A 268 2.95 20.78 18.98
N LEU A 269 2.06 21.02 18.02
CA LEU A 269 0.82 20.26 17.91
C LEU A 269 1.12 18.77 17.77
N PHE A 270 2.16 18.44 17.02
CA PHE A 270 2.56 17.06 16.87
C PHE A 270 3.23 16.52 18.13
N LEU A 271 4.14 17.28 18.73
CA LEU A 271 4.85 16.81 19.92
C LEU A 271 3.90 16.46 21.05
N GLU A 272 2.78 17.17 21.09
CA GLU A 272 1.77 16.93 22.11
C GLU A 272 1.16 15.54 22.01
N GLU A 273 1.35 14.87 20.89
CA GLU A 273 0.76 13.56 20.74
C GLU A 273 1.63 12.48 21.38
N ALA A 274 2.81 12.86 21.88
CA ALA A 274 3.74 11.88 22.44
C ALA A 274 3.09 11.03 23.53
N GLU A 275 2.18 11.61 24.31
CA GLU A 275 1.64 10.86 25.45
C GLU A 275 0.81 9.66 25.02
N TYR A 276 0.26 9.71 23.81
CA TYR A 276 -0.55 8.64 23.28
C TYR A 276 0.26 7.41 22.97
N TRP A 277 1.58 7.55 23.00
CA TRP A 277 2.51 6.48 22.62
C TRP A 277 3.16 5.80 23.83
N HIS A 278 2.93 6.35 25.02
CA HIS A 278 3.59 5.85 26.22
C HIS A 278 3.20 4.41 26.49
N HIS A 279 2.03 4.01 25.99
CA HIS A 279 1.57 2.63 26.19
C HIS A 279 2.58 1.62 25.67
N LEU A 280 3.37 1.98 24.66
CA LEU A 280 4.37 1.06 24.13
C LEU A 280 5.45 0.72 25.14
N ASN A 281 5.71 1.65 26.06
CA ASN A 281 6.76 1.48 27.06
C ASN A 281 6.41 0.38 28.05
N TYR A 282 5.15 -0.04 28.03
CA TYR A 282 4.65 -1.04 28.98
C TYR A 282 4.62 -2.44 28.40
N TYR A 283 5.06 -2.57 27.15
CA TYR A 283 5.23 -3.90 26.59
C TYR A 283 6.65 -4.34 26.89
N THR A 284 6.80 -5.18 27.90
CA THR A 284 8.11 -5.61 28.29
C THR A 284 8.28 -7.09 28.25
N ASP A 285 7.21 -7.74 27.93
CA ASP A 285 7.15 -9.15 27.87
C ASP A 285 8.08 -9.65 26.78
N ASN A 286 8.27 -8.87 25.74
CA ASN A 286 9.20 -9.24 24.71
C ASN A 286 9.02 -10.68 24.22
N VAL A 287 7.77 -11.10 24.14
CA VAL A 287 7.39 -12.45 23.70
C VAL A 287 8.00 -12.88 22.36
N GLN A 288 8.88 -13.86 22.36
CA GLN A 288 9.49 -14.37 21.15
C GLN A 288 8.87 -15.70 20.74
N ILE A 289 8.36 -15.78 19.52
CA ILE A 289 7.69 -16.98 19.07
C ILE A 289 8.68 -18.14 18.84
N LYS A 290 8.26 -19.35 19.20
CA LYS A 290 9.14 -20.51 19.01
C LYS A 290 9.31 -20.86 17.54
N LYS A 291 10.54 -21.21 17.15
CA LYS A 291 10.81 -21.65 15.79
C LYS A 291 11.08 -23.15 15.74
N ASP A 292 10.82 -23.74 14.59
CA ASP A 292 11.11 -25.17 14.40
C ASP A 292 12.62 -25.42 14.43
N TYR A 293 13.38 -24.51 13.87
CA TYR A 293 14.81 -24.66 13.80
C TYR A 293 15.58 -23.44 14.21
N VAL A 294 16.78 -23.66 14.68
CA VAL A 294 17.63 -22.59 15.08
C VAL A 294 18.40 -22.16 13.85
N THR A 295 18.43 -20.87 13.59
CA THR A 295 19.14 -20.39 12.43
C THR A 295 19.62 -18.98 12.57
N MET A 296 20.62 -18.65 11.78
CA MET A 296 21.18 -17.32 11.79
C MET A 296 21.24 -16.79 10.36
N ASN A 297 21.46 -15.50 10.27
CA ASN A 297 21.56 -14.78 9.00
C ASN A 297 20.72 -15.33 7.85
N ASN A 298 19.45 -15.05 8.01
CA ASN A 298 18.37 -15.35 7.15
C ASN A 298 18.40 -14.40 5.97
N LYS A 299 18.34 -14.93 4.78
CA LYS A 299 18.39 -14.15 3.57
C LYS A 299 17.13 -14.34 2.76
N GLN A 300 16.81 -13.38 1.93
CA GLN A 300 15.60 -13.47 1.14
C GLN A 300 15.50 -14.70 0.30
N LYS A 301 16.61 -15.21 -0.19
CA LYS A 301 16.52 -16.38 -1.03
C LYS A 301 15.90 -17.58 -0.32
N ASN A 302 15.84 -17.54 1.00
CA ASN A 302 15.28 -18.65 1.77
C ASN A 302 13.85 -18.40 2.24
N ILE A 303 13.29 -17.27 1.84
CA ILE A 303 11.90 -16.95 2.22
C ILE A 303 10.92 -17.71 1.34
N ARG A 304 9.88 -18.27 1.97
CA ARG A 304 8.83 -19.00 1.26
C ARG A 304 7.52 -18.53 1.83
N TYR A 305 6.41 -18.97 1.28
CA TYR A 305 5.17 -18.56 1.89
C TYR A 305 4.10 -19.63 1.78
N VAL A 306 3.14 -19.52 2.69
CA VAL A 306 1.90 -20.27 2.62
C VAL A 306 0.75 -19.30 2.40
N GLY A 307 -0.17 -19.66 1.51
CA GLY A 307 -1.31 -18.79 1.23
C GLY A 307 -2.65 -19.37 1.64
N MET A 308 -3.55 -18.49 2.09
CA MET A 308 -4.95 -18.86 2.24
C MET A 308 -5.76 -17.92 1.38
N GLU A 309 -6.97 -18.34 1.04
CA GLU A 309 -7.88 -17.48 0.30
C GLU A 309 -9.32 -17.70 0.76
N LEU A 310 -10.14 -16.66 0.63
CA LEU A 310 -11.58 -16.79 0.85
C LEU A 310 -12.30 -16.97 -0.47
N THR A 311 -13.53 -17.46 -0.42
CA THR A 311 -14.34 -17.49 -1.63
C THR A 311 -14.78 -16.07 -2.00
N ILE A 312 -15.26 -15.90 -3.22
CA ILE A 312 -15.85 -14.63 -3.60
C ILE A 312 -17.00 -14.22 -2.67
N GLU A 313 -17.84 -15.20 -2.33
CA GLU A 313 -18.99 -14.87 -1.49
C GLU A 313 -18.55 -14.44 -0.11
N GLU A 314 -17.55 -15.12 0.44
CA GLU A 314 -17.04 -14.75 1.76
C GLU A 314 -16.35 -13.40 1.73
N THR A 315 -15.63 -13.13 0.65
CA THR A 315 -14.95 -11.84 0.51
C THR A 315 -15.95 -10.70 0.35
N GLU A 316 -17.04 -10.94 -0.37
CA GLU A 316 -18.08 -9.93 -0.51
C GLU A 316 -18.63 -9.55 0.86
N LYS A 317 -18.87 -10.55 1.71
CA LYS A 317 -19.31 -10.28 3.08
C LYS A 317 -18.30 -9.40 3.80
N LEU A 318 -17.03 -9.79 3.71
CA LEU A 318 -15.99 -9.03 4.41
C LEU A 318 -15.90 -7.59 3.91
N LEU A 319 -16.11 -7.38 2.62
CA LEU A 319 -15.96 -6.05 2.07
C LEU A 319 -17.20 -5.19 2.18
N LYS A 320 -18.38 -5.80 2.32
CA LYS A 320 -19.64 -5.04 2.17
C LYS A 320 -20.60 -5.13 3.37
N ASN A 321 -20.49 -6.19 4.19
CA ASN A 321 -21.49 -6.41 5.25
C ASN A 321 -20.92 -6.74 6.62
N VAL A 322 -19.62 -6.56 6.79
CA VAL A 322 -18.96 -6.84 8.07
C VAL A 322 -18.65 -5.58 8.89
N ASN A 323 -18.12 -4.54 8.27
CA ASN A 323 -17.67 -3.39 9.04
C ASN A 323 -18.80 -2.64 9.70
N LYS A 324 -20.00 -2.82 9.17
CA LYS A 324 -21.18 -2.14 9.71
C LYS A 324 -21.50 -2.58 11.13
N ALA A 325 -21.01 -3.76 11.54
CA ALA A 325 -21.34 -4.32 12.86
C ALA A 325 -20.80 -3.47 14.00
N TYR A 326 -19.51 -3.18 13.95
CA TYR A 326 -18.85 -2.40 14.98
C TYR A 326 -18.26 -1.09 14.44
N ARG A 327 -18.59 -0.77 13.18
CA ARG A 327 -18.04 0.39 12.48
C ARG A 327 -16.52 0.35 12.46
N THR A 328 -16.02 -0.78 12.01
CA THR A 328 -14.61 -1.04 11.92
C THR A 328 -14.09 -0.73 10.53
N GLU A 329 -12.78 -0.75 10.38
CA GLU A 329 -12.17 -0.87 9.06
C GLU A 329 -11.50 -2.23 8.96
N ILE A 330 -11.03 -2.61 7.77
CA ILE A 330 -10.60 -3.97 7.55
C ILE A 330 -9.45 -4.42 8.49
N ASN A 331 -8.50 -3.55 8.82
CA ASN A 331 -7.43 -3.92 9.76
C ASN A 331 -7.99 -4.40 11.10
N ASP A 332 -9.03 -3.72 11.62
CA ASP A 332 -9.65 -4.16 12.89
C ASP A 332 -10.05 -5.64 12.82
N ILE A 333 -10.65 -6.04 11.70
CA ILE A 333 -11.11 -7.40 11.54
C ILE A 333 -9.96 -8.39 11.33
N LEU A 334 -9.06 -8.09 10.40
CA LEU A 334 -7.94 -8.98 10.10
C LEU A 334 -6.99 -9.16 11.30
N LEU A 335 -6.81 -8.11 12.10
CA LEU A 335 -5.94 -8.23 13.27
C LEU A 335 -6.64 -8.94 14.43
N THR A 336 -7.95 -8.79 14.55
CA THR A 336 -8.65 -9.59 15.54
C THR A 336 -8.47 -11.07 15.17
N ALA A 337 -8.60 -11.41 13.89
CA ALA A 337 -8.34 -12.80 13.48
C ALA A 337 -6.90 -13.24 13.82
N LEU A 338 -5.95 -12.33 13.62
CA LEU A 338 -4.55 -12.68 13.83
C LEU A 338 -4.31 -13.02 15.30
N GLY A 339 -4.90 -12.21 16.17
CA GLY A 339 -4.82 -12.46 17.60
C GLY A 339 -5.29 -13.86 17.98
N PHE A 340 -6.45 -14.23 17.47
CA PHE A 340 -7.02 -15.53 17.75
C PHE A 340 -6.12 -16.63 17.22
N ALA A 341 -5.63 -16.46 15.99
CA ALA A 341 -4.79 -17.48 15.36
C ALA A 341 -3.48 -17.66 16.10
N LEU A 342 -2.85 -16.55 16.52
CA LEU A 342 -1.56 -16.64 17.19
C LEU A 342 -1.71 -17.28 18.56
N LYS A 343 -2.83 -17.00 19.22
CA LYS A 343 -3.13 -17.62 20.50
C LYS A 343 -3.30 -19.14 20.37
N GLU A 344 -4.10 -19.56 19.39
CA GLU A 344 -4.26 -20.99 19.14
C GLU A 344 -2.95 -21.64 18.70
N TRP A 345 -2.18 -20.93 17.87
CA TRP A 345 -1.02 -21.53 17.22
C TRP A 345 0.21 -21.61 18.11
N ALA A 346 0.44 -20.58 18.92
CA ALA A 346 1.66 -20.49 19.72
C ALA A 346 1.35 -20.35 21.20
N ASP A 347 0.06 -20.47 21.54
CA ASP A 347 -0.43 -20.16 22.89
C ASP A 347 0.03 -18.78 23.37
N ILE A 348 0.00 -17.82 22.44
CA ILE A 348 0.41 -16.45 22.72
C ILE A 348 -0.77 -15.63 23.25
N ASP A 349 -0.59 -15.01 24.41
CA ASP A 349 -1.60 -14.11 24.97
C ASP A 349 -1.30 -12.64 24.67
N LYS A 350 -0.03 -12.32 24.50
CA LYS A 350 0.40 -10.95 24.22
C LYS A 350 1.56 -10.95 23.25
N ILE A 351 1.47 -10.17 22.18
CA ILE A 351 2.58 -10.05 21.25
C ILE A 351 2.54 -8.73 20.51
N VAL A 352 3.71 -8.20 20.18
CA VAL A 352 3.82 -6.97 19.40
C VAL A 352 4.06 -7.29 17.92
N ILE A 353 3.32 -6.61 17.05
CA ILE A 353 3.51 -6.80 15.62
C ILE A 353 3.80 -5.45 14.99
N ASN A 354 4.39 -5.46 13.81
CA ASN A 354 4.58 -4.23 13.04
C ASN A 354 3.38 -4.08 12.11
N LEU A 355 2.65 -2.98 12.20
CA LEU A 355 1.50 -2.78 11.32
C LEU A 355 1.85 -1.76 10.25
N GLU A 356 1.71 -2.17 8.99
CA GLU A 356 1.94 -1.26 7.87
C GLU A 356 0.65 -0.60 7.45
N GLY A 357 0.78 0.62 6.94
CA GLY A 357 -0.39 1.34 6.47
C GLY A 357 0.01 2.14 5.27
N HIS A 358 -0.97 2.70 4.58
CA HIS A 358 -0.63 3.42 3.35
C HIS A 358 0.03 4.78 3.64
N GLY A 359 -0.14 5.29 4.85
CA GLY A 359 0.61 6.47 5.27
C GLY A 359 0.14 7.82 4.73
N ARG A 360 -0.98 7.81 4.01
CA ARG A 360 -1.44 9.02 3.38
C ARG A 360 -2.52 9.65 4.27
N GLU A 361 -2.10 10.01 5.46
CA GLU A 361 -2.99 10.51 6.47
C GLU A 361 -3.12 12.02 6.36
N GLU A 362 -4.23 12.54 6.84
CA GLU A 362 -4.52 13.98 6.76
C GLU A 362 -3.91 14.74 7.92
N ILE A 363 -2.58 14.80 7.96
CA ILE A 363 -1.89 15.44 9.07
C ILE A 363 -1.47 16.86 8.73
N LEU A 364 -1.39 17.16 7.43
CA LEU A 364 -0.86 18.43 6.97
C LEU A 364 -1.97 19.22 6.28
N GLU A 365 -2.31 20.36 6.84
CA GLU A 365 -3.40 21.21 6.37
C GLU A 365 -3.40 21.41 4.85
N GLN A 366 -2.44 22.19 4.39
CA GLN A 366 -2.38 22.62 3.00
C GLN A 366 -1.63 21.61 2.13
N MET A 367 -1.85 20.31 2.35
CA MET A 367 -1.19 19.34 1.47
C MET A 367 -2.19 18.34 0.92
N ASN A 368 -1.93 17.88 -0.31
CA ASN A 368 -2.76 16.88 -0.94
C ASN A 368 -1.84 15.95 -1.67
N ILE A 369 -1.71 14.71 -1.18
CA ILE A 369 -0.85 13.76 -1.90
C ILE A 369 -1.67 12.60 -2.43
N ALA A 370 -2.96 12.82 -2.64
CA ALA A 370 -3.86 11.72 -3.02
C ALA A 370 -3.54 11.12 -4.39
N ARG A 371 -2.84 11.88 -5.23
CA ARG A 371 -2.46 11.38 -6.56
C ARG A 371 -0.96 11.43 -6.78
N THR A 372 -0.20 11.41 -5.70
CA THR A 372 1.25 11.54 -5.81
C THR A 372 1.95 10.18 -5.76
N VAL A 373 2.88 9.95 -6.68
CA VAL A 373 3.64 8.70 -6.68
C VAL A 373 4.85 8.83 -5.73
N GLY A 374 5.05 7.82 -4.90
CA GLY A 374 6.11 7.83 -3.93
C GLY A 374 5.92 6.67 -2.97
N TRP A 375 6.88 6.51 -2.06
CA TRP A 375 6.76 5.48 -1.03
C TRP A 375 6.28 6.13 0.26
N PHE A 376 4.97 6.09 0.52
CA PHE A 376 4.41 6.82 1.66
C PHE A 376 4.11 5.92 2.86
N THR A 377 4.34 4.62 2.68
CA THR A 377 3.97 3.61 3.69
C THR A 377 4.40 3.98 5.09
N SER A 378 3.49 3.80 6.05
CA SER A 378 3.79 3.98 7.46
C SER A 378 3.88 2.63 8.15
N GLN A 379 4.56 2.55 9.28
CA GLN A 379 4.54 1.33 10.06
C GLN A 379 4.70 1.72 11.51
N TYR A 380 4.09 0.95 12.39
CA TYR A 380 4.24 1.21 13.82
C TYR A 380 3.86 -0.02 14.62
N PRO A 381 4.30 -0.08 15.88
CA PRO A 381 4.06 -1.28 16.67
C PRO A 381 2.67 -1.31 17.28
N VAL A 382 2.01 -2.44 17.12
CA VAL A 382 0.70 -2.70 17.68
C VAL A 382 0.82 -3.90 18.61
N VAL A 383 0.37 -3.76 19.85
CA VAL A 383 0.38 -4.88 20.78
C VAL A 383 -0.97 -5.59 20.75
N LEU A 384 -0.99 -6.85 20.40
CA LEU A 384 -2.20 -7.64 20.36
C LEU A 384 -2.38 -8.27 21.73
N ASP A 385 -3.51 -8.05 22.33
CA ASP A 385 -3.83 -8.59 23.64
C ASP A 385 -5.01 -9.51 23.60
N MET A 386 -4.77 -10.79 23.78
CA MET A 386 -5.88 -11.72 23.79
C MET A 386 -6.32 -12.04 25.19
N GLN A 387 -7.43 -11.48 25.63
CA GLN A 387 -7.95 -11.77 26.95
C GLN A 387 -9.18 -12.68 26.87
N LYS A 388 -10.36 -12.09 26.65
CA LYS A 388 -11.62 -12.84 26.59
C LYS A 388 -11.65 -14.10 25.77
N SER A 389 -11.99 -14.00 24.51
CA SER A 389 -12.15 -15.13 23.63
C SER A 389 -13.51 -15.51 24.00
N ASP A 390 -14.25 -15.90 22.99
CA ASP A 390 -15.61 -16.30 23.14
C ASP A 390 -16.50 -15.08 23.02
N ASP A 391 -16.14 -13.98 23.67
CA ASP A 391 -16.95 -12.77 23.52
C ASP A 391 -16.35 -11.95 22.38
N LEU A 392 -16.74 -12.31 21.17
CA LEU A 392 -16.26 -11.69 19.97
C LEU A 392 -16.53 -10.23 20.00
N SER A 393 -17.68 -9.88 20.46
CA SER A 393 -18.04 -8.49 20.60
C SER A 393 -16.93 -7.78 21.39
N TYR A 394 -16.50 -8.39 22.50
CA TYR A 394 -15.46 -7.80 23.34
C TYR A 394 -14.13 -7.70 22.59
N GLN A 395 -13.71 -8.81 21.98
CA GLN A 395 -12.41 -8.85 21.31
C GLN A 395 -12.39 -7.90 20.10
N ILE A 396 -13.47 -7.84 19.32
CA ILE A 396 -13.48 -6.92 18.18
C ILE A 396 -13.44 -5.46 18.66
N LYS A 397 -14.26 -5.15 19.67
N LYS A 397 -14.25 -5.14 19.67
CA LYS A 397 -14.29 -3.79 20.21
CA LYS A 397 -14.28 -3.78 20.20
C LYS A 397 -12.93 -3.43 20.83
C LYS A 397 -12.91 -3.43 20.81
N LEU A 398 -12.24 -4.42 21.39
CA LEU A 398 -10.92 -4.20 22.00
C LEU A 398 -9.88 -3.85 20.94
N MET A 399 -9.89 -4.60 19.85
CA MET A 399 -8.94 -4.36 18.77
C MET A 399 -9.26 -3.02 18.12
N LYS A 400 -10.54 -2.70 17.95
CA LYS A 400 -10.92 -1.41 17.41
C LYS A 400 -10.35 -0.30 18.30
N GLU A 401 -10.50 -0.44 19.62
CA GLU A 401 -9.95 0.56 20.54
C GLU A 401 -8.44 0.65 20.43
N ASN A 402 -7.79 -0.50 20.33
CA ASN A 402 -6.33 -0.61 20.21
C ASN A 402 -5.83 0.20 19.01
N LEU A 403 -6.52 0.09 17.87
CA LEU A 403 -6.01 0.74 16.68
C LEU A 403 -6.38 2.20 16.64
N ARG A 404 -7.24 2.63 17.56
CA ARG A 404 -7.59 4.04 17.60
C ARG A 404 -7.00 4.76 18.82
N ARG A 405 -6.16 4.08 19.56
CA ARG A 405 -5.55 4.70 20.70
C ARG A 405 -4.54 5.79 20.32
N ILE A 406 -4.14 5.80 19.05
CA ILE A 406 -3.23 6.79 18.60
C ILE A 406 -3.84 7.53 17.42
N PRO A 407 -3.32 8.80 17.24
CA PRO A 407 -3.87 9.53 16.10
C PRO A 407 -3.40 9.12 14.73
N ASN A 408 -4.19 9.46 13.73
CA ASN A 408 -3.83 9.28 12.37
C ASN A 408 -3.21 7.95 11.98
N LYS A 409 -3.77 6.86 12.49
CA LYS A 409 -3.37 5.53 12.11
C LYS A 409 -1.88 5.28 12.33
N GLY A 410 -1.32 5.96 13.33
CA GLY A 410 0.00 5.66 13.83
C GLY A 410 1.13 6.18 12.98
N ILE A 411 0.83 7.12 12.08
CA ILE A 411 1.88 7.67 11.23
C ILE A 411 2.95 8.37 12.09
N GLY A 412 2.57 8.83 13.28
CA GLY A 412 3.52 9.62 14.07
C GLY A 412 4.70 8.84 14.63
N TYR A 413 4.57 7.53 14.78
CA TYR A 413 5.64 6.79 15.44
C TYR A 413 6.97 6.95 14.71
N GLU A 414 7.02 6.69 13.40
CA GLU A 414 8.31 6.77 12.73
C GLU A 414 8.66 8.22 12.39
N ILE A 415 7.69 9.12 12.42
CA ILE A 415 8.00 10.55 12.32
C ILE A 415 8.82 10.94 13.57
N PHE A 416 8.31 10.60 14.75
CA PHE A 416 9.11 10.82 15.98
C PHE A 416 10.47 10.17 15.86
N LYS A 417 10.49 8.91 15.38
CA LYS A 417 11.71 8.12 15.40
C LYS A 417 12.83 8.70 14.53
N TYR A 418 12.45 9.21 13.36
CA TYR A 418 13.42 9.58 12.33
C TYR A 418 13.49 11.08 11.99
N LEU A 419 12.41 11.78 12.18
CA LEU A 419 12.35 13.16 11.81
C LEU A 419 12.42 14.22 12.90
N THR A 420 11.76 13.98 13.99
CA THR A 420 11.76 14.93 15.07
C THR A 420 13.20 15.10 15.55
N THR A 421 13.63 16.34 15.75
CA THR A 421 14.97 16.59 16.24
C THR A 421 15.20 15.91 17.56
N GLU A 422 16.41 15.42 17.76
CA GLU A 422 16.72 14.62 18.93
C GLU A 422 16.30 15.12 20.30
N TYR A 423 16.47 16.39 20.58
CA TYR A 423 16.08 16.89 21.88
C TYR A 423 14.60 16.72 22.11
N LEU A 424 13.81 17.09 21.11
CA LEU A 424 12.37 17.03 21.15
C LEU A 424 11.74 15.65 21.08
N ARG A 425 12.50 14.69 20.64
CA ARG A 425 11.97 13.33 20.50
C ARG A 425 11.53 12.73 21.82
N PRO A 426 10.27 12.26 21.88
CA PRO A 426 9.76 11.61 23.09
C PRO A 426 10.49 10.30 23.41
N VAL A 427 10.46 9.89 24.66
CA VAL A 427 11.14 8.66 25.03
C VAL A 427 10.25 7.45 24.81
N LEU A 428 10.31 6.89 23.61
CA LEU A 428 9.56 5.70 23.24
C LEU A 428 10.52 4.55 23.01
N PRO A 429 10.03 3.32 23.03
CA PRO A 429 10.93 2.19 22.81
C PRO A 429 11.28 1.99 21.33
N PHE A 430 12.07 2.92 20.78
CA PHE A 430 12.36 2.92 19.35
C PHE A 430 13.22 1.73 18.93
N THR A 431 13.68 0.99 19.92
CA THR A 431 14.51 -0.20 19.71
C THR A 431 13.66 -1.45 19.44
N LEU A 432 12.35 -1.31 19.61
CA LEU A 432 11.41 -2.41 19.37
C LEU A 432 11.53 -2.95 17.95
N LYS A 433 11.66 -4.27 17.82
CA LYS A 433 11.71 -4.94 16.54
C LYS A 433 10.76 -6.13 16.53
N PRO A 434 9.49 -5.89 16.19
CA PRO A 434 8.51 -6.97 16.16
C PRO A 434 8.96 -8.07 15.20
N GLU A 435 8.63 -9.31 15.50
CA GLU A 435 8.98 -10.45 14.66
C GLU A 435 7.96 -10.66 13.54
N ILE A 436 6.78 -10.06 13.71
CA ILE A 436 5.67 -10.27 12.77
C ILE A 436 5.30 -8.94 12.13
N ASN A 437 5.16 -8.96 10.80
CA ASN A 437 4.72 -7.79 10.05
C ASN A 437 3.33 -8.08 9.51
N PHE A 438 2.48 -7.05 9.43
CA PHE A 438 1.18 -7.22 8.82
C PHE A 438 0.91 -6.06 7.86
N ASN A 439 0.56 -6.41 6.64
CA ASN A 439 0.22 -5.40 5.65
C ASN A 439 -0.95 -5.84 4.79
N TYR A 440 -2.05 -5.10 4.84
CA TYR A 440 -3.16 -5.32 3.90
C TYR A 440 -3.09 -4.29 2.80
N LEU A 441 -2.92 -4.77 1.56
CA LEU A 441 -2.72 -3.89 0.42
C LEU A 441 -3.99 -3.43 -0.27
N GLY A 442 -5.12 -4.04 0.06
CA GLY A 442 -6.39 -3.54 -0.45
C GLY A 442 -6.82 -4.20 -1.74
N GLN A 443 -7.68 -3.50 -2.47
CA GLN A 443 -8.34 -4.04 -3.66
C GLN A 443 -7.69 -3.52 -4.93
N PHE A 444 -7.58 -4.40 -5.93
CA PHE A 444 -6.88 -4.01 -7.16
C PHE A 444 -7.66 -4.28 -8.44
N ASP A 445 -8.78 -4.99 -8.37
CA ASP A 445 -9.40 -5.47 -9.59
C ASP A 445 -9.83 -4.30 -10.49
N THR A 446 -10.32 -3.23 -9.88
CA THR A 446 -10.76 -2.05 -10.66
C THR A 446 -9.58 -1.33 -11.28
N ASP A 447 -8.41 -1.50 -10.69
CA ASP A 447 -7.21 -0.82 -11.15
C ASP A 447 -6.50 -1.57 -12.26
N VAL A 448 -6.52 -2.89 -12.20
CA VAL A 448 -5.68 -3.70 -13.11
C VAL A 448 -6.51 -4.24 -14.28
N LYS A 449 -7.80 -4.45 -14.05
CA LYS A 449 -8.67 -4.99 -15.10
C LYS A 449 -9.40 -3.85 -15.75
N THR A 450 -8.84 -3.33 -16.84
CA THR A 450 -9.42 -2.20 -17.54
C THR A 450 -9.80 -2.58 -18.97
N GLU A 451 -10.26 -1.61 -19.74
CA GLU A 451 -10.61 -1.90 -21.13
C GLU A 451 -9.33 -2.20 -21.94
N LEU A 452 -8.23 -1.61 -21.49
CA LEU A 452 -6.98 -1.70 -22.24
C LEU A 452 -6.15 -2.93 -21.91
N PHE A 453 -6.15 -3.35 -20.64
CA PHE A 453 -5.30 -4.45 -20.25
C PHE A 453 -5.88 -5.18 -19.06
N THR A 454 -5.27 -6.30 -18.70
CA THR A 454 -5.65 -7.05 -17.53
C THR A 454 -4.44 -7.69 -16.86
N ARG A 455 -4.66 -8.46 -15.80
CA ARG A 455 -3.58 -9.21 -15.18
C ARG A 455 -2.99 -10.22 -16.13
N SER A 456 -1.67 -10.39 -16.05
CA SER A 456 -1.01 -11.41 -16.86
C SER A 456 -1.06 -12.79 -16.23
N PRO A 457 -1.46 -13.79 -17.04
CA PRO A 457 -1.42 -15.19 -16.59
C PRO A 457 0.01 -15.65 -16.29
N TYR A 458 1.01 -14.93 -16.79
CA TYR A 458 2.40 -15.31 -16.52
C TYR A 458 2.93 -14.69 -15.24
N SER A 459 2.07 -13.97 -14.54
CA SER A 459 2.48 -13.45 -13.25
C SER A 459 2.45 -14.58 -12.22
N MET A 460 3.56 -14.78 -11.51
CA MET A 460 3.62 -15.76 -10.42
C MET A 460 3.55 -15.14 -9.03
N GLY A 461 2.47 -15.39 -8.30
CA GLY A 461 2.31 -14.82 -6.97
C GLY A 461 1.96 -13.33 -6.95
N ASN A 462 2.17 -12.71 -5.78
CA ASN A 462 1.85 -11.30 -5.51
C ASN A 462 3.07 -10.42 -5.68
N SER A 463 3.10 -9.71 -6.81
CA SER A 463 4.31 -8.98 -7.15
C SER A 463 4.48 -7.71 -6.33
N LEU A 464 3.44 -7.30 -5.60
CA LEU A 464 3.54 -6.10 -4.77
C LEU A 464 3.88 -6.46 -3.34
N GLY A 465 4.02 -7.75 -3.07
CA GLY A 465 4.32 -8.20 -1.71
C GLY A 465 5.74 -8.70 -1.55
N PRO A 466 6.05 -9.25 -0.36
CA PRO A 466 7.39 -9.76 0.00
C PRO A 466 7.81 -10.98 -0.81
N ASP A 467 6.84 -11.69 -1.37
CA ASP A 467 7.14 -12.89 -2.12
C ASP A 467 7.14 -12.68 -3.61
N GLY A 468 6.96 -11.42 -4.04
CA GLY A 468 6.99 -11.13 -5.46
C GLY A 468 8.29 -11.65 -6.06
N LYS A 469 8.16 -12.44 -7.13
CA LYS A 469 9.33 -13.10 -7.74
C LYS A 469 10.38 -12.10 -8.17
N ASN A 470 11.62 -12.30 -7.70
CA ASN A 470 12.75 -11.47 -8.08
C ASN A 470 12.68 -10.02 -7.61
N ASN A 471 11.76 -9.70 -6.70
CA ASN A 471 11.66 -8.32 -6.23
C ASN A 471 12.86 -7.86 -5.38
N LEU A 472 13.36 -8.78 -4.56
CA LEU A 472 14.33 -8.46 -3.52
C LEU A 472 15.63 -9.20 -3.78
N GLY A 473 16.74 -8.51 -3.51
CA GLY A 473 18.04 -9.16 -3.65
C GLY A 473 18.09 -10.46 -2.86
N PRO A 474 18.44 -11.58 -3.51
CA PRO A 474 18.43 -12.88 -2.84
C PRO A 474 19.38 -12.91 -1.65
N GLU A 475 20.48 -12.17 -1.71
CA GLU A 475 21.41 -12.18 -0.60
C GLU A 475 21.09 -11.15 0.48
N GLY A 476 20.09 -10.31 0.25
CA GLY A 476 19.65 -9.38 1.25
C GLY A 476 19.06 -10.08 2.46
N GLU A 477 19.17 -9.44 3.62
CA GLU A 477 18.76 -10.00 4.89
C GLU A 477 17.25 -9.87 5.04
N SER A 478 16.60 -10.95 5.47
CA SER A 478 15.19 -10.85 5.85
C SER A 478 15.14 -10.21 7.22
N TYR A 479 14.02 -9.59 7.55
CA TYR A 479 13.98 -8.78 8.76
C TYR A 479 12.71 -9.04 9.54
N PHE A 480 11.86 -9.92 9.03
CA PHE A 480 10.74 -10.42 9.80
C PHE A 480 10.75 -11.94 9.84
N VAL A 481 10.31 -12.51 10.96
CA VAL A 481 10.10 -13.95 11.06
C VAL A 481 8.86 -14.37 10.27
N LEU A 482 7.77 -13.64 10.45
CA LEU A 482 6.54 -13.88 9.69
C LEU A 482 6.13 -12.55 9.06
N ASN A 483 5.92 -12.59 7.75
CA ASN A 483 5.54 -11.40 7.01
C ASN A 483 4.22 -11.69 6.36
N ILE A 484 3.17 -11.09 6.91
CA ILE A 484 1.79 -11.43 6.56
C ILE A 484 1.22 -10.33 5.68
N ASN A 485 0.77 -10.70 4.50
CA ASN A 485 0.33 -9.73 3.50
C ASN A 485 -1.06 -10.13 3.02
N GLY A 486 -1.94 -9.16 2.83
CA GLY A 486 -3.28 -9.46 2.35
C GLY A 486 -3.67 -8.57 1.18
N PHE A 487 -4.55 -9.07 0.30
CA PHE A 487 -5.01 -8.26 -0.82
C PHE A 487 -6.20 -8.93 -1.44
N ILE A 488 -6.93 -8.18 -2.27
CA ILE A 488 -8.07 -8.75 -2.98
C ILE A 488 -7.71 -8.90 -4.46
N GLU A 489 -7.90 -10.09 -4.98
CA GLU A 489 -7.58 -10.37 -6.39
C GLU A 489 -8.68 -11.25 -6.99
N GLU A 490 -9.24 -10.83 -8.12
CA GLU A 490 -10.34 -11.59 -8.75
C GLU A 490 -11.50 -11.86 -7.77
N GLY A 491 -11.80 -10.85 -6.97
CA GLY A 491 -12.90 -10.92 -6.02
C GLY A 491 -12.65 -11.71 -4.76
N LYS A 492 -11.42 -12.19 -4.57
CA LYS A 492 -11.09 -13.02 -3.40
C LYS A 492 -10.02 -12.44 -2.50
N LEU A 493 -10.23 -12.50 -1.20
CA LEU A 493 -9.16 -12.15 -0.26
C LEU A 493 -8.10 -13.23 -0.29
N HIS A 494 -6.86 -12.81 -0.50
CA HIS A 494 -5.69 -13.65 -0.31
C HIS A 494 -4.91 -13.17 0.91
N ILE A 495 -4.53 -14.08 1.80
CA ILE A 495 -3.57 -13.75 2.86
C ILE A 495 -2.37 -14.65 2.71
N THR A 496 -1.16 -14.09 2.70
CA THR A 496 0.03 -14.93 2.60
C THR A 496 0.88 -14.76 3.84
N PHE A 497 1.47 -15.87 4.27
CA PHE A 497 2.33 -15.91 5.45
C PHE A 497 3.75 -16.22 4.98
N SER A 498 4.63 -15.23 4.98
CA SER A 498 5.99 -15.41 4.48
C SER A 498 6.92 -15.72 5.63
N TYR A 499 7.77 -16.72 5.45
CA TYR A 499 8.60 -17.22 6.53
C TYR A 499 9.93 -17.70 5.96
N ASN A 500 10.89 -17.92 6.84
CA ASN A 500 12.19 -18.44 6.46
C ASN A 500 12.17 -19.95 6.52
N GLU A 501 12.47 -20.58 5.39
CA GLU A 501 12.50 -22.04 5.21
C GLU A 501 13.38 -22.73 6.25
N GLN A 502 14.41 -22.02 6.69
CA GLN A 502 15.38 -22.58 7.65
C GLN A 502 14.89 -22.44 9.09
N GLN A 503 13.76 -21.74 9.25
CA GLN A 503 13.28 -21.46 10.58
C GLN A 503 12.06 -22.30 10.93
N TYR A 504 11.26 -22.63 9.91
CA TYR A 504 10.03 -23.37 10.08
C TYR A 504 9.81 -24.41 9.00
N LYS A 505 9.20 -25.53 9.40
CA LYS A 505 8.65 -26.48 8.45
C LYS A 505 7.39 -25.88 7.81
N GLU A 506 7.15 -26.20 6.54
CA GLU A 506 6.00 -25.64 5.85
C GLU A 506 4.73 -26.00 6.60
N ASP A 507 4.68 -27.22 7.12
CA ASP A 507 3.50 -27.69 7.85
C ASP A 507 3.15 -26.80 9.04
N THR A 508 4.16 -26.27 9.70
CA THR A 508 3.97 -25.42 10.86
C THR A 508 3.25 -24.11 10.48
N ILE A 509 3.65 -23.54 9.36
CA ILE A 509 3.02 -22.31 8.89
C ILE A 509 1.64 -22.62 8.35
N GLN A 510 1.51 -23.76 7.67
CA GLN A 510 0.20 -24.20 7.21
C GLN A 510 -0.78 -24.26 8.36
N GLN A 511 -0.33 -24.71 9.53
CA GLN A 511 -1.23 -24.77 10.68
C GLN A 511 -1.73 -23.38 11.09
N LEU A 512 -0.82 -22.41 11.10
CA LEU A 512 -1.17 -21.03 11.45
C LEU A 512 -2.16 -20.47 10.44
N SER A 513 -1.87 -20.68 9.17
CA SER A 513 -2.73 -20.20 8.09
C SER A 513 -4.13 -20.78 8.17
N ARG A 514 -4.25 -22.09 8.36
CA ARG A 514 -5.58 -22.71 8.46
C ARG A 514 -6.35 -22.19 9.67
N SER A 515 -5.65 -22.01 10.79
CA SER A 515 -6.26 -21.46 11.99
C SER A 515 -6.73 -20.02 11.74
N TYR A 516 -5.90 -19.23 11.06
CA TYR A 516 -6.26 -17.85 10.74
C TYR A 516 -7.54 -17.80 9.90
N LYS A 517 -7.64 -18.61 8.89
CA LYS A 517 -8.84 -18.64 8.07
C LYS A 517 -10.09 -19.02 8.86
N GLN A 518 -9.96 -19.98 9.75
CA GLN A 518 -11.10 -20.40 10.51
C GLN A 518 -11.61 -19.28 11.44
N HIS A 519 -10.69 -18.62 12.09
CA HIS A 519 -11.07 -17.52 12.97
C HIS A 519 -11.63 -16.34 12.16
N LEU A 520 -11.01 -16.05 11.02
CA LEU A 520 -11.52 -14.96 10.18
C LEU A 520 -12.96 -15.23 9.70
N LEU A 521 -13.23 -16.46 9.29
CA LEU A 521 -14.58 -16.81 8.85
C LEU A 521 -15.58 -16.71 10.00
N ALA A 522 -15.17 -17.11 11.20
CA ALA A 522 -16.06 -16.98 12.37
C ALA A 522 -16.39 -15.53 12.68
N ILE A 523 -15.38 -14.68 12.55
CA ILE A 523 -15.57 -13.24 12.80
C ILE A 523 -16.48 -12.63 11.73
N ILE A 524 -16.29 -13.03 10.48
CA ILE A 524 -17.12 -12.54 9.39
C ILE A 524 -18.59 -12.91 9.69
N GLU A 525 -18.84 -14.16 10.04
CA GLU A 525 -20.23 -14.58 10.24
C GLU A 525 -20.85 -13.85 11.42
N HIS A 526 -20.07 -13.63 12.48
CA HIS A 526 -20.52 -12.87 13.63
C HIS A 526 -20.95 -11.44 13.25
N CYS A 527 -20.10 -10.76 12.48
CA CYS A 527 -20.35 -9.38 12.10
C CYS A 527 -21.49 -9.25 11.11
N VAL A 528 -21.65 -10.23 10.22
CA VAL A 528 -22.74 -10.16 9.26
C VAL A 528 -24.07 -10.10 10.03
N GLN A 529 -24.14 -10.85 11.14
CA GLN A 529 -25.37 -10.91 11.94
C GLN A 529 -25.67 -9.61 12.70
N LYS A 530 -24.62 -8.85 13.04
CA LYS A 530 -24.82 -7.66 13.87
C LYS A 530 -25.18 -6.45 13.00
N GLU A 531 -26.27 -5.79 13.33
CA GLU A 531 -26.68 -4.61 12.58
C GLU A 531 -25.96 -3.33 12.99
N ASP A 532 -26.00 -2.33 12.10
CA ASP A 532 -25.36 -1.04 12.34
C ASP A 532 -26.24 -0.22 13.27
N THR A 533 -25.77 0.00 14.49
CA THR A 533 -26.57 0.77 15.46
C THR A 533 -25.78 1.89 16.11
N GLU A 534 -24.53 2.09 15.68
CA GLU A 534 -23.74 3.15 16.27
C GLU A 534 -24.27 4.52 15.87
N LEU A 535 -24.41 5.41 16.85
CA LEU A 535 -24.81 6.81 16.63
C LEU A 535 -23.60 7.72 16.38
N THR A 536 -22.62 7.66 17.25
CA THR A 536 -21.43 8.45 17.10
C THR A 536 -20.18 7.61 17.19
N PRO A 537 -19.12 8.22 16.54
CA PRO A 537 -17.90 7.43 16.40
C PRO A 537 -17.02 7.20 17.56
N SER A 538 -15.96 6.45 17.31
CA SER A 538 -14.97 6.14 18.33
C SER A 538 -13.56 6.35 17.87
N ASP A 539 -13.41 6.79 16.64
CA ASP A 539 -12.12 7.04 16.08
C ASP A 539 -11.39 7.97 16.97
N PHE A 540 -10.09 8.03 16.83
CA PHE A 540 -9.33 8.94 17.67
C PHE A 540 -9.79 10.33 17.28
#